data_4S2Q
#
_entry.id   4S2Q
#
_cell.length_a   99.492
_cell.length_b   99.492
_cell.length_c   45.894
_cell.angle_alpha   90.00
_cell.angle_beta   90.00
_cell.angle_gamma   90.00
#
_symmetry.space_group_name_H-M   'P 41 21 2'
#
loop_
_entity.id
_entity.type
_entity.pdbx_description
1 polymer "DNA (5'-D(P*AP*GP*GP*CP*TP*TP*TP*GP*TP*TP*CP*TP*CP*CP*TP*G)-3')"
2 polymer "DNA (5'-D(P*AP*GP*GP*AP*GP*AP*AP*CP*AP*AP*AP*GP*CP*CP*TP*G)-3')"
3 polymer 'Transcription factor SOX-9'
4 water water
#
loop_
_entity_poly.entity_id
_entity_poly.type
_entity_poly.pdbx_seq_one_letter_code
_entity_poly.pdbx_strand_id
1 'polydeoxyribonucleotide' (DA)(DG)(DG)(DC)(DT)(DT)(DT)(DG)(DT)(DT)(DC)(DT)(DC)(DC)(DT)(DG) A
2 'polydeoxyribonucleotide' (DA)(DG)(DG)(DA)(DG)(DA)(DA)(DC)(DA)(DA)(DA)(DG)(DC)(DC)(DT)(DG) B
3 'polypeptide(L)' PHVKRPMNAFMVWAQAARRKLADQYPHLHNAELSKTLGKLWRLLNESEKRPFVEEAERLRVQHKKDHPDYKYQPRR D
#
# COMPACT_ATOMS: atom_id res chain seq x y z
N PRO C 1 -13.73 7.85 18.43
CA PRO C 1 -13.28 7.68 17.03
C PRO C 1 -11.75 7.71 16.92
N HIS C 2 -11.14 6.79 16.17
CA HIS C 2 -9.67 6.75 16.03
C HIS C 2 -9.20 6.42 14.60
N VAL C 3 -8.75 7.44 13.86
CA VAL C 3 -8.41 7.26 12.46
C VAL C 3 -7.24 6.33 12.24
N LYS C 4 -6.88 6.21 10.97
CA LYS C 4 -5.95 5.22 10.53
C LYS C 4 -5.09 5.78 9.41
N ARG C 5 -3.98 5.11 9.10
CA ARG C 5 -2.92 5.70 8.30
C ARG C 5 -3.22 5.63 6.80
N PRO C 6 -2.78 6.66 6.05
CA PRO C 6 -2.92 6.65 4.59
C PRO C 6 -2.02 5.58 4.01
N MET C 7 -2.42 4.94 2.92
CA MET C 7 -1.60 3.89 2.32
C MET C 7 -0.38 4.47 1.61
N ASN C 8 0.75 3.80 1.75
CA ASN C 8 1.97 4.23 1.07
C ASN C 8 2.05 3.62 -0.33
N ALA C 9 3.14 3.87 -1.05
CA ALA C 9 3.21 3.38 -2.43
C ALA C 9 2.96 1.90 -2.48
N PHE C 10 3.65 1.15 -1.63
CA PHE C 10 3.57 -0.30 -1.65
C PHE C 10 2.14 -0.77 -1.39
N MET C 11 1.50 -0.21 -0.37
CA MET C 11 0.15 -0.64 -0.05
C MET C 11 -0.83 -0.30 -1.18
N VAL C 12 -0.65 0.85 -1.84
CA VAL C 12 -1.57 1.24 -2.89
C VAL C 12 -1.51 0.24 -4.03
N TRP C 13 -0.29 -0.13 -4.36
CA TRP C 13 -0.02 -1.08 -5.44
C TRP C 13 -0.44 -2.50 -5.10
N ALA C 14 -0.36 -2.86 -3.83
CA ALA C 14 -0.68 -4.22 -3.43
C ALA C 14 -2.17 -4.53 -3.38
N GLN C 15 -3.02 -3.52 -3.38
CA GLN C 15 -4.45 -3.78 -3.40
C GLN C 15 -4.74 -4.67 -4.62
N ALA C 16 -4.51 -4.15 -5.82
CA ALA C 16 -4.83 -4.91 -7.05
C ALA C 16 -3.85 -6.04 -7.37
N ALA C 17 -2.64 -5.98 -6.84
CA ALA C 17 -1.67 -7.06 -7.11
C ALA C 17 -1.97 -8.30 -6.26
N ARG C 18 -2.24 -8.11 -4.98
CA ARG C 18 -2.57 -9.21 -4.09
C ARG C 18 -3.71 -9.99 -4.71
N ARG C 19 -4.74 -9.25 -5.11
CA ARG C 19 -5.92 -9.79 -5.77
C ARG C 19 -5.55 -10.69 -6.96
N LYS C 20 -4.80 -10.16 -7.93
CA LYS C 20 -4.41 -10.94 -9.10
C LYS C 20 -3.59 -12.16 -8.71
N LEU C 21 -2.72 -11.97 -7.72
CA LEU C 21 -1.90 -13.05 -7.21
C LEU C 21 -2.74 -14.13 -6.55
N ALA C 22 -3.73 -13.73 -5.77
CA ALA C 22 -4.54 -14.71 -5.05
C ALA C 22 -5.28 -15.59 -6.04
N ASP C 23 -5.61 -15.03 -7.19
CA ASP C 23 -6.28 -15.76 -8.29
C ASP C 23 -5.34 -16.82 -8.78
N GLN C 24 -4.18 -16.37 -9.24
CA GLN C 24 -3.16 -17.27 -9.76
C GLN C 24 -2.83 -18.37 -8.73
N TYR C 25 -2.73 -18.02 -7.46
CA TYR C 25 -2.30 -18.98 -6.44
C TYR C 25 -3.25 -19.22 -5.28
N PRO C 26 -4.44 -19.75 -5.56
CA PRO C 26 -5.50 -19.92 -4.56
C PRO C 26 -5.03 -20.66 -3.30
N HIS C 27 -4.03 -21.53 -3.43
CA HIS C 27 -3.68 -22.38 -2.31
C HIS C 27 -2.81 -21.62 -1.30
N LEU C 28 -2.44 -20.38 -1.66
CA LEU C 28 -1.55 -19.58 -0.82
C LEU C 28 -2.29 -18.62 0.11
N HIS C 29 -1.71 -18.37 1.28
CA HIS C 29 -2.31 -17.46 2.27
C HIS C 29 -1.58 -16.13 2.25
N ASN C 30 -2.18 -15.11 2.88
CA ASN C 30 -1.69 -13.76 2.70
C ASN C 30 -0.25 -13.58 3.16
N ALA C 31 0.12 -14.34 4.18
CA ALA C 31 1.51 -14.42 4.63
C ALA C 31 2.43 -14.70 3.47
N GLU C 32 2.24 -15.87 2.84
CA GLU C 32 3.08 -16.24 1.71
C GLU C 32 2.96 -15.25 0.59
N LEU C 33 1.72 -14.89 0.26
CA LEU C 33 1.44 -13.88 -0.76
C LEU C 33 2.35 -12.68 -0.55
N SER C 34 2.36 -12.18 0.68
CA SER C 34 3.08 -10.96 0.97
C SER C 34 4.55 -11.08 0.61
N LYS C 35 5.14 -12.23 0.92
CA LYS C 35 6.53 -12.46 0.54
C LYS C 35 6.71 -12.37 -0.98
N THR C 36 5.79 -12.96 -1.72
CA THR C 36 5.94 -12.92 -3.18
C THR C 36 5.74 -11.50 -3.70
N LEU C 37 4.82 -10.78 -3.06
CA LEU C 37 4.53 -9.38 -3.40
C LEU C 37 5.75 -8.50 -3.19
N GLY C 38 6.47 -8.74 -2.09
CA GLY C 38 7.68 -8.00 -1.82
C GLY C 38 8.61 -8.06 -3.01
N LYS C 39 8.96 -9.27 -3.43
CA LYS C 39 9.95 -9.48 -4.50
C LYS C 39 9.45 -8.83 -5.79
N LEU C 40 8.17 -9.04 -6.06
CA LEU C 40 7.55 -8.44 -7.22
C LEU C 40 7.63 -6.90 -7.15
N TRP C 41 7.40 -6.33 -5.98
CA TRP C 41 7.56 -4.88 -5.79
C TRP C 41 8.98 -4.39 -6.13
N ARG C 42 9.99 -4.86 -5.41
CA ARG C 42 11.36 -4.39 -5.66
C ARG C 42 11.89 -4.76 -7.03
N LEU C 43 11.11 -5.52 -7.79
CA LEU C 43 11.49 -5.82 -9.16
C LEU C 43 11.17 -4.65 -10.10
N LEU C 44 10.28 -3.76 -9.66
CA LEU C 44 9.94 -2.56 -10.44
C LEU C 44 11.03 -1.48 -10.43
N ASN C 45 11.02 -0.61 -11.43
CA ASN C 45 11.97 0.51 -11.46
C ASN C 45 11.24 1.82 -11.18
N GLU C 46 11.93 2.95 -11.29
CA GLU C 46 11.32 4.24 -10.97
C GLU C 46 10.03 4.46 -11.76
N SER C 47 10.13 4.39 -13.08
CA SER C 47 9.01 4.68 -13.95
C SER C 47 7.83 3.76 -13.66
N GLU C 48 8.11 2.49 -13.43
CA GLU C 48 7.06 1.55 -13.13
C GLU C 48 6.42 1.79 -11.75
N LYS C 49 7.18 2.39 -10.83
CA LYS C 49 6.65 2.69 -9.49
C LYS C 49 5.91 4.03 -9.41
N ARG C 50 6.30 4.96 -10.27
CA ARG C 50 5.77 6.33 -10.24
C ARG C 50 4.27 6.48 -10.04
N PRO C 51 3.45 5.68 -10.76
CA PRO C 51 2.02 6.01 -10.57
C PRO C 51 1.55 5.77 -9.15
N PHE C 52 2.19 4.86 -8.44
CA PHE C 52 1.72 4.49 -7.12
C PHE C 52 2.32 5.44 -6.10
N VAL C 53 3.55 5.86 -6.39
CA VAL C 53 4.20 6.89 -5.62
C VAL C 53 3.38 8.18 -5.68
N GLU C 54 3.01 8.56 -6.89
CA GLU C 54 2.11 9.70 -7.06
C GLU C 54 0.78 9.44 -6.34
N GLU C 55 0.29 8.21 -6.43
CA GLU C 55 -0.99 7.94 -5.80
C GLU C 55 -0.90 7.98 -4.26
N ALA C 56 0.23 7.53 -3.71
CA ALA C 56 0.41 7.62 -2.26
C ALA C 56 0.56 9.06 -1.78
N GLU C 57 1.09 9.94 -2.64
CA GLU C 57 1.30 11.34 -2.27
C GLU C 57 0.01 12.17 -2.32
N ARG C 58 -0.87 11.88 -3.28
CA ARG C 58 -2.13 12.59 -3.29
C ARG C 58 -3.01 12.07 -2.17
N LEU C 59 -2.90 10.77 -1.89
CA LEU C 59 -3.63 10.20 -0.79
C LEU C 59 -3.11 10.88 0.48
N ARG C 60 -1.81 11.10 0.54
CA ARG C 60 -1.19 11.69 1.72
C ARG C 60 -1.68 13.11 1.91
N VAL C 61 -1.64 13.90 0.84
CA VAL C 61 -2.11 15.27 0.92
C VAL C 61 -3.57 15.30 1.35
N GLN C 62 -4.37 14.41 0.78
CA GLN C 62 -5.81 14.39 1.07
C GLN C 62 -6.06 14.11 2.55
N HIS C 63 -5.30 13.15 3.09
CA HIS C 63 -5.37 12.82 4.51
C HIS C 63 -5.15 14.06 5.38
N LYS C 64 -4.18 14.90 5.03
CA LYS C 64 -3.95 16.13 5.78
C LYS C 64 -5.12 17.11 5.65
N LYS C 65 -5.73 17.16 4.47
CA LYS C 65 -6.87 18.04 4.25
C LYS C 65 -8.07 17.54 5.03
N ASP C 66 -8.25 16.22 5.05
CA ASP C 66 -9.35 15.60 5.77
C ASP C 66 -9.16 15.64 7.30
N HIS C 67 -7.91 15.52 7.73
CA HIS C 67 -7.61 15.53 9.17
C HIS C 67 -6.47 16.47 9.50
N PRO C 68 -6.79 17.76 9.64
CA PRO C 68 -5.78 18.81 9.80
C PRO C 68 -5.03 18.65 11.11
N ASP C 69 -5.79 18.31 12.15
CA ASP C 69 -5.23 18.22 13.49
C ASP C 69 -4.76 16.79 13.80
N TYR C 70 -4.65 15.96 12.77
CA TYR C 70 -4.22 14.59 12.99
C TYR C 70 -2.79 14.54 13.45
N LYS C 71 -2.52 13.58 14.31
CA LYS C 71 -1.16 13.24 14.61
C LYS C 71 -1.06 11.77 14.90
N TYR C 72 -0.10 11.13 14.25
CA TYR C 72 0.10 9.69 14.35
C TYR C 72 0.63 9.37 15.74
N GLN C 73 -0.16 8.63 16.51
CA GLN C 73 0.23 8.25 17.86
C GLN C 73 0.09 6.75 17.98
N PRO C 74 1.14 6.01 17.59
CA PRO C 74 1.17 4.54 17.68
C PRO C 74 1.11 4.10 19.13
N ARG C 75 0.69 2.86 19.36
CA ARG C 75 0.53 2.34 20.71
C ARG C 75 1.81 1.64 21.18
N ARG C 76 1.89 1.35 22.47
CA ARG C 76 3.07 0.69 23.03
C ARG C 76 2.81 -0.77 23.41
#